data_5C5I
#
_entry.id   5C5I
#
_cell.length_a   110.048
_cell.length_b   80.085
_cell.length_c   61.330
_cell.angle_alpha   90.000
_cell.angle_beta   93.690
_cell.angle_gamma   90.000
#
_symmetry.space_group_name_H-M   'C 1 2 1'
#
loop_
_entity.id
_entity.type
_entity.pdbx_description
1 polymer 'NADP-dependent dehydrogenase'
2 water water
#
_entity_poly.entity_id   1
_entity_poly.type   'polypeptide(L)'
_entity_poly.pdbx_seq_one_letter_code
;FQSMSRIALVTRLSPEAEAHWAGHLARALPGERIDGFRELSPAERAEVDIAIVANPDPADLAELPNLVWIHSLWAGVERL
VAELGHLARPIVRLVDPELARTMAEAALAWTYYLFRDMPAYAAQQRARVWKGLPYKRPERTTVGVLGLGELGAAAALRLR
DAGFDVHGWSRSPKEIAGVTCHAGEETLERMLGQVEILVCLLPLTGETRGLLDARRLACLPEGAQIVNFARGPILDSAAL
IEALDSGRIGHAVLDVFEVEPLPEASPFWGHPKVTVLPHISAATDPETASAIVGAHVADYRATGRIPPSVDLTRGY
;
_entity_poly.pdbx_strand_id   A,B
#
# COMPACT_ATOMS: atom_id res chain seq x y z
N PHE A 1 -0.77 38.06 44.75
CA PHE A 1 -0.42 36.74 44.13
C PHE A 1 0.64 36.89 43.02
N GLN A 2 1.48 35.87 42.86
CA GLN A 2 2.40 35.76 41.71
C GLN A 2 1.58 35.39 40.47
N SER A 3 1.71 36.16 39.39
CA SER A 3 1.01 35.90 38.14
C SER A 3 1.55 34.60 37.52
N MET A 4 0.71 33.91 36.77
CA MET A 4 0.96 32.50 36.37
C MET A 4 1.02 32.41 34.86
N SER A 5 1.73 31.41 34.36
CA SER A 5 1.93 31.21 32.90
C SER A 5 1.14 29.99 32.40
N ARG A 6 0.77 30.00 31.13
CA ARG A 6 0.09 28.85 30.55
C ARG A 6 0.15 28.73 29.02
N ILE A 7 -0.27 27.55 28.55
CA ILE A 7 -0.24 27.16 27.15
C ILE A 7 -1.63 26.85 26.61
N ALA A 8 -1.87 27.38 25.45
CA ALA A 8 -3.09 27.14 24.73
C ALA A 8 -2.81 26.27 23.52
N LEU A 9 -3.69 25.30 23.36
CA LEU A 9 -3.72 24.47 22.24
C LEU A 9 -4.80 25.05 21.30
N VAL A 10 -4.37 25.59 20.16
CA VAL A 10 -5.27 26.31 19.28
C VAL A 10 -5.35 25.60 17.93
N THR A 11 -6.41 24.80 17.70
CA THR A 11 -6.50 24.10 16.43
C THR A 11 -7.85 24.26 15.80
N ARG A 12 -7.93 23.84 14.55
CA ARG A 12 -9.22 23.66 13.89
C ARG A 12 -9.36 22.27 13.38
N LEU A 13 -8.88 21.34 14.22
CA LEU A 13 -9.00 19.91 13.96
C LEU A 13 -10.30 19.45 14.54
N SER A 14 -10.66 18.21 14.26
CA SER A 14 -11.83 17.56 14.88
C SER A 14 -11.57 17.53 16.37
N PRO A 15 -12.63 17.55 17.18
CA PRO A 15 -12.40 17.56 18.66
C PRO A 15 -11.62 16.34 19.16
N GLU A 16 -11.95 15.15 18.62
CA GLU A 16 -11.20 13.89 18.95
C GLU A 16 -9.74 13.93 18.48
N ALA A 17 -9.46 14.56 17.33
CA ALA A 17 -8.06 14.77 16.92
C ALA A 17 -7.33 15.73 17.85
N GLU A 18 -7.97 16.83 18.23
CA GLU A 18 -7.38 17.78 19.18
C GLU A 18 -7.11 17.14 20.56
N ALA A 19 -8.08 16.38 21.05
CA ALA A 19 -7.99 15.68 22.32
C ALA A 19 -6.88 14.61 22.34
N HIS A 20 -6.67 13.94 21.20
CA HIS A 20 -5.56 13.01 21.02
C HIS A 20 -4.25 13.76 21.24
N TRP A 21 -4.10 14.90 20.58
CA TRP A 21 -2.92 15.76 20.82
C TRP A 21 -2.82 16.26 22.27
N ALA A 22 -3.91 16.78 22.82
CA ALA A 22 -3.88 17.29 24.20
C ALA A 22 -3.25 16.23 25.12
N GLY A 23 -3.80 15.01 25.13
CA GLY A 23 -3.28 13.87 25.84
C GLY A 23 -1.78 13.61 25.66
N HIS A 24 -1.32 13.65 24.42
CA HIS A 24 0.10 13.47 24.17
C HIS A 24 0.95 14.63 24.66
N LEU A 25 0.54 15.84 24.37
CA LEU A 25 1.22 17.02 24.89
C LEU A 25 1.30 17.06 26.45
N ALA A 26 0.23 16.65 27.11
CA ALA A 26 0.16 16.62 28.54
C ALA A 26 1.24 15.65 29.06
N ARG A 27 1.36 14.47 28.41
CA ARG A 27 2.43 13.49 28.72
C ARG A 27 3.84 14.10 28.53
N ALA A 28 4.05 14.76 27.42
CA ALA A 28 5.36 15.39 27.13
C ALA A 28 5.68 16.60 27.95
N LEU A 29 4.67 17.27 28.49
CA LEU A 29 4.85 18.52 29.27
C LEU A 29 4.07 18.54 30.56
N PRO A 30 4.38 17.60 31.44
CA PRO A 30 3.62 17.62 32.68
C PRO A 30 3.96 18.90 33.47
N GLY A 31 2.95 19.41 34.13
CA GLY A 31 3.12 20.64 34.89
C GLY A 31 2.82 21.89 34.10
N GLU A 32 2.97 21.86 32.79
CA GLU A 32 2.51 23.01 32.02
C GLU A 32 1.01 22.89 32.07
N ARG A 33 0.36 24.01 31.90
CA ARG A 33 -1.07 24.03 31.92
C ARG A 33 -1.44 24.18 30.50
N ILE A 34 -2.03 23.13 29.93
CA ILE A 34 -2.36 23.08 28.50
C ILE A 34 -3.85 22.84 28.38
N ASP A 35 -4.52 23.75 27.70
CA ASP A 35 -5.94 23.65 27.54
C ASP A 35 -6.27 23.93 26.12
N GLY A 36 -7.36 23.32 25.64
CA GLY A 36 -7.93 23.71 24.37
C GLY A 36 -8.35 25.16 24.46
N PHE A 37 -8.12 25.94 23.41
CA PHE A 37 -8.50 27.36 23.40
C PHE A 37 -9.92 27.62 23.89
N ARG A 38 -10.85 26.79 23.41
CA ARG A 38 -12.25 26.84 23.78
C ARG A 38 -12.56 26.74 25.30
N GLU A 39 -11.67 26.06 26.04
CA GLU A 39 -11.85 25.82 27.48
C GLU A 39 -11.39 27.01 28.34
N LEU A 40 -10.65 27.97 27.77
CA LEU A 40 -10.06 29.06 28.55
C LEU A 40 -11.01 30.26 28.69
N SER A 41 -11.15 30.76 29.91
CA SER A 41 -11.81 32.03 30.21
C SER A 41 -10.92 33.22 29.84
N PRO A 42 -11.48 34.45 29.78
CA PRO A 42 -10.69 35.62 29.32
C PRO A 42 -9.48 35.92 30.20
N ALA A 43 -9.62 35.64 31.50
CA ALA A 43 -8.54 35.83 32.47
C ALA A 43 -7.43 34.85 32.17
N GLU A 44 -7.82 33.60 31.96
CA GLU A 44 -6.89 32.51 31.66
C GLU A 44 -6.15 32.74 30.34
N ARG A 45 -6.86 33.26 29.33
CA ARG A 45 -6.23 33.64 28.04
C ARG A 45 -5.09 34.67 28.12
N ALA A 46 -5.23 35.61 29.05
CA ALA A 46 -4.25 36.66 29.28
C ALA A 46 -2.99 36.08 29.95
N GLU A 47 -3.12 34.92 30.57
CA GLU A 47 -1.97 34.17 31.13
C GLU A 47 -1.13 33.41 30.07
N VAL A 48 -1.69 33.20 28.88
CA VAL A 48 -1.06 32.34 27.86
C VAL A 48 0.17 33.00 27.26
N ASP A 49 1.32 32.34 27.34
CA ASP A 49 2.55 32.85 26.66
C ASP A 49 3.06 32.03 25.42
N ILE A 50 2.58 30.80 25.28
CA ILE A 50 2.92 29.90 24.21
C ILE A 50 1.62 29.32 23.65
N ALA A 51 1.54 29.33 22.35
CA ALA A 51 0.46 28.68 21.63
C ALA A 51 1.04 27.52 20.83
N ILE A 52 0.45 26.36 21.04
CA ILE A 52 0.71 25.19 20.25
C ILE A 52 -0.43 25.01 19.26
N VAL A 53 -0.11 24.90 17.99
CA VAL A 53 -1.12 25.12 16.99
C VAL A 53 -1.15 24.08 15.91
N ALA A 54 -2.34 23.90 15.34
CA ALA A 54 -2.46 23.16 14.09
C ALA A 54 -3.60 23.78 13.28
N ASN A 55 -3.24 24.44 12.19
CA ASN A 55 -4.21 25.26 11.42
C ASN A 55 -5.11 26.13 12.34
N PRO A 56 -4.49 26.90 13.22
CA PRO A 56 -5.32 27.69 14.11
C PRO A 56 -6.18 28.72 13.35
N ASP A 57 -7.25 29.14 14.00
CA ASP A 57 -8.04 30.26 13.57
C ASP A 57 -7.24 31.48 14.06
N PRO A 58 -6.87 32.38 13.14
CA PRO A 58 -6.22 33.62 13.59
C PRO A 58 -7.03 34.41 14.63
N ALA A 59 -8.35 34.41 14.49
CA ALA A 59 -9.25 35.10 15.45
C ALA A 59 -9.01 34.65 16.89
N ASP A 60 -8.75 33.35 17.08
CA ASP A 60 -8.42 32.77 18.41
C ASP A 60 -7.05 33.23 18.91
N LEU A 61 -6.06 33.18 18.03
CA LEU A 61 -4.70 33.62 18.38
C LEU A 61 -4.64 35.08 18.75
N ALA A 62 -5.45 35.89 18.09
CA ALA A 62 -5.60 37.32 18.43
C ALA A 62 -6.24 37.58 19.80
N GLU A 63 -6.97 36.60 20.34
CA GLU A 63 -7.58 36.72 21.68
C GLU A 63 -6.62 36.35 22.81
N LEU A 64 -5.37 36.07 22.46
CA LEU A 64 -4.29 35.81 23.40
C LEU A 64 -3.34 37.02 23.36
N PRO A 65 -3.57 38.01 24.24
CA PRO A 65 -2.57 39.09 24.44
C PRO A 65 -1.41 38.45 25.22
N ASN A 66 -0.28 39.12 25.35
CA ASN A 66 0.87 38.49 26.09
C ASN A 66 1.42 37.15 25.53
N LEU A 67 0.91 36.73 24.37
CA LEU A 67 1.47 35.62 23.63
C LEU A 67 2.87 35.99 23.20
N VAL A 68 3.84 35.09 23.40
CA VAL A 68 5.26 35.35 23.11
C VAL A 68 5.71 34.63 21.84
N TRP A 69 5.43 33.34 21.76
CA TRP A 69 5.72 32.55 20.58
C TRP A 69 4.79 31.37 20.38
N ILE A 70 4.89 30.82 19.17
CA ILE A 70 4.04 29.80 18.62
C ILE A 70 4.85 28.57 18.19
N HIS A 71 4.34 27.39 18.55
CA HIS A 71 4.87 26.13 18.09
C HIS A 71 3.83 25.40 17.25
N SER A 72 4.16 25.20 15.97
CA SER A 72 3.28 24.46 15.12
C SER A 72 3.53 23.00 15.41
N LEU A 73 2.47 22.21 15.26
CA LEU A 73 2.53 20.76 15.21
C LEU A 73 2.86 20.20 13.82
N TRP A 74 2.85 21.07 12.83
CA TRP A 74 3.07 20.68 11.46
CA TRP A 74 3.05 20.68 11.46
C TRP A 74 4.48 21.05 11.00
N ALA A 75 4.98 20.32 10.00
CA ALA A 75 6.28 20.61 9.39
C ALA A 75 6.19 21.76 8.38
N GLY A 76 5.12 21.74 7.59
CA GLY A 76 4.87 22.80 6.61
C GLY A 76 4.06 23.92 7.23
N VAL A 77 4.71 25.04 7.54
CA VAL A 77 4.04 26.21 8.13
C VAL A 77 3.92 27.38 7.14
N GLU A 78 4.06 27.11 5.85
CA GLU A 78 4.06 28.13 4.79
C GLU A 78 2.70 28.87 4.75
N ARG A 79 1.62 28.09 4.83
CA ARG A 79 0.27 28.62 5.03
C ARG A 79 0.24 29.62 6.19
N LEU A 80 0.79 29.17 7.32
CA LEU A 80 0.74 29.90 8.60
C LEU A 80 1.55 31.20 8.64
N VAL A 81 2.81 31.13 8.20
CA VAL A 81 3.69 32.31 8.13
C VAL A 81 3.06 33.47 7.31
N ALA A 82 2.42 33.14 6.19
CA ALA A 82 1.67 34.11 5.37
C ALA A 82 0.44 34.63 6.12
N GLU A 83 -0.41 33.69 6.57
CA GLU A 83 -1.62 34.02 7.38
C GLU A 83 -1.30 34.85 8.65
N LEU A 84 -0.22 34.52 9.35
CA LEU A 84 0.09 35.11 10.67
C LEU A 84 1.41 35.83 10.87
N GLY A 85 2.20 36.08 9.82
CA GLY A 85 3.44 36.86 9.94
C GLY A 85 3.19 38.10 10.79
N HIS A 86 2.12 38.81 10.46
CA HIS A 86 1.67 40.05 11.14
C HIS A 86 1.49 40.05 12.68
N LEU A 87 1.33 38.89 13.32
CA LEU A 87 1.22 38.85 14.80
C LEU A 87 2.54 39.12 15.52
N ALA A 88 3.66 39.05 14.78
CA ALA A 88 4.98 39.40 15.30
C ALA A 88 5.33 38.60 16.52
N ARG A 89 5.02 37.31 16.45
CA ARG A 89 5.47 36.36 17.42
C ARG A 89 6.19 35.31 16.56
N PRO A 90 7.42 34.92 16.97
CA PRO A 90 8.14 33.84 16.30
C PRO A 90 7.23 32.63 16.11
N ILE A 91 7.33 31.98 14.94
CA ILE A 91 6.64 30.73 14.65
C ILE A 91 7.70 29.67 14.48
N VAL A 92 7.57 28.60 15.27
CA VAL A 92 8.49 27.45 15.26
C VAL A 92 7.79 26.28 14.59
N ARG A 93 8.41 25.72 13.55
CA ARG A 93 7.87 24.53 12.86
C ARG A 93 8.37 23.28 13.58
N LEU A 94 7.60 22.21 13.41
CA LEU A 94 7.97 20.90 13.93
C LEU A 94 8.88 20.22 12.92
N VAL A 95 10.16 20.16 13.29
CA VAL A 95 11.23 19.53 12.51
C VAL A 95 11.57 18.16 13.09
N ASP A 96 11.28 17.13 12.33
CA ASP A 96 11.48 15.80 12.81
C ASP A 96 12.67 15.20 12.06
N PRO A 97 13.69 14.72 12.79
CA PRO A 97 14.84 14.15 12.12
C PRO A 97 14.55 12.90 11.27
N GLU A 98 13.48 12.19 11.59
CA GLU A 98 13.03 11.02 10.83
C GLU A 98 12.09 11.31 9.65
N LEU A 99 11.98 12.56 9.24
CA LEU A 99 11.04 12.91 8.14
C LEU A 99 11.38 12.25 6.80
N ALA A 100 12.67 12.29 6.45
CA ALA A 100 13.16 11.62 5.25
C ALA A 100 12.76 10.15 5.21
N ARG A 101 12.92 9.47 6.33
CA ARG A 101 12.61 8.02 6.44
C ARG A 101 11.12 7.73 6.20
N THR A 102 10.33 8.52 6.89
CA THR A 102 8.87 8.44 6.85
C THR A 102 8.29 8.87 5.50
N MET A 103 8.93 9.82 4.86
CA MET A 103 8.50 10.22 3.54
C MET A 103 8.89 9.17 2.50
N ALA A 104 10.09 8.62 2.65
CA ALA A 104 10.55 7.53 1.79
C ALA A 104 9.61 6.31 1.95
N GLU A 105 9.28 5.95 3.20
CA GLU A 105 8.24 4.90 3.45
C GLU A 105 6.97 5.16 2.66
N ALA A 106 6.46 6.38 2.77
CA ALA A 106 5.21 6.77 2.13
C ALA A 106 5.28 6.71 0.63
N ALA A 107 6.37 7.23 0.04
CA ALA A 107 6.64 7.07 -1.39
C ALA A 107 6.52 5.62 -1.79
N LEU A 108 7.20 4.73 -1.07
CA LEU A 108 7.11 3.31 -1.38
C LEU A 108 5.72 2.66 -1.22
N ALA A 109 5.08 2.94 -0.09
CA ALA A 109 3.76 2.38 0.20
C ALA A 109 2.76 2.82 -0.84
N TRP A 110 2.81 4.08 -1.22
CA TRP A 110 1.84 4.56 -2.25
C TRP A 110 2.26 4.21 -3.68
N THR A 111 3.55 3.93 -3.92
CA THR A 111 3.94 3.40 -5.24
C THR A 111 3.39 2.01 -5.30
N TYR A 112 3.52 1.26 -4.22
CA TYR A 112 2.94 -0.12 -4.19
C TYR A 112 1.43 -0.10 -4.37
N TYR A 113 0.76 0.82 -3.70
CA TYR A 113 -0.68 0.98 -3.87
C TYR A 113 -1.03 1.09 -5.37
N LEU A 114 -0.25 1.84 -6.14
CA LEU A 114 -0.53 2.00 -7.58
C LEU A 114 -0.06 0.82 -8.41
N PHE A 115 1.15 0.36 -8.11
CA PHE A 115 1.82 -0.70 -8.83
C PHE A 115 1.04 -1.99 -8.74
N ARG A 116 0.59 -2.29 -7.53
CA ARG A 116 -0.20 -3.50 -7.25
C ARG A 116 -1.68 -3.37 -7.57
N ASP A 117 -2.09 -2.26 -8.21
CA ASP A 117 -3.47 -2.07 -8.71
C ASP A 117 -4.59 -2.03 -7.63
N MET A 118 -4.22 -1.57 -6.46
CA MET A 118 -5.16 -1.49 -5.39
C MET A 118 -6.42 -0.64 -5.72
N PRO A 119 -6.25 0.57 -6.26
CA PRO A 119 -7.45 1.30 -6.64
C PRO A 119 -8.39 0.54 -7.54
N ALA A 120 -7.87 0.00 -8.64
CA ALA A 120 -8.71 -0.76 -9.59
C ALA A 120 -9.42 -1.91 -8.89
N TYR A 121 -8.73 -2.61 -7.99
CA TYR A 121 -9.37 -3.74 -7.28
C TYR A 121 -10.45 -3.24 -6.35
N ALA A 122 -10.20 -2.09 -5.72
CA ALA A 122 -11.24 -1.48 -4.88
C ALA A 122 -12.47 -1.09 -5.68
N ALA A 123 -12.25 -0.48 -6.82
CA ALA A 123 -13.38 -0.12 -7.73
C ALA A 123 -14.19 -1.36 -8.17
N GLN A 124 -13.48 -2.38 -8.61
CA GLN A 124 -14.08 -3.66 -8.98
C GLN A 124 -14.84 -4.32 -7.83
N GLN A 125 -14.28 -4.28 -6.61
CA GLN A 125 -14.95 -4.83 -5.40
C GLN A 125 -16.32 -4.15 -5.18
N ARG A 126 -16.35 -2.81 -5.15
CA ARG A 126 -17.62 -2.02 -5.19
C ARG A 126 -18.63 -2.43 -6.28
N ALA A 127 -18.15 -2.85 -7.45
CA ALA A 127 -19.07 -3.34 -8.51
C ALA A 127 -19.28 -4.90 -8.51
N ARG A 128 -18.60 -5.59 -7.59
CA ARG A 128 -18.68 -7.05 -7.42
C ARG A 128 -18.15 -7.79 -8.63
N VAL A 129 -17.02 -7.29 -9.13
CA VAL A 129 -16.36 -7.76 -10.32
C VAL A 129 -15.10 -8.47 -9.87
N TRP A 130 -14.90 -9.70 -10.28
CA TRP A 130 -13.68 -10.43 -9.97
C TRP A 130 -12.83 -10.48 -11.20
N LYS A 131 -11.64 -9.88 -11.15
CA LYS A 131 -10.84 -9.68 -12.32
C LYS A 131 -9.42 -9.33 -11.99
N GLY A 132 -8.58 -10.36 -11.95
CA GLY A 132 -7.15 -10.21 -11.93
C GLY A 132 -6.59 -9.42 -13.08
N LEU A 133 -5.65 -8.54 -12.78
CA LEU A 133 -4.99 -7.68 -13.76
C LEU A 133 -3.56 -8.15 -14.01
N PRO A 134 -3.00 -7.87 -15.22
CA PRO A 134 -1.65 -8.31 -15.56
C PRO A 134 -0.62 -7.76 -14.64
N TYR A 135 0.29 -8.65 -14.19
CA TYR A 135 1.42 -8.32 -13.32
C TYR A 135 2.70 -8.33 -14.15
N LYS A 136 3.50 -7.29 -13.98
CA LYS A 136 4.88 -7.32 -14.39
C LYS A 136 5.78 -6.93 -13.24
N ARG A 137 7.00 -7.43 -13.27
CA ARG A 137 7.88 -7.26 -12.13
C ARG A 137 8.38 -5.82 -12.00
N PRO A 138 8.80 -5.40 -10.78
CA PRO A 138 9.28 -4.02 -10.55
C PRO A 138 10.41 -3.58 -11.45
N GLU A 139 11.24 -4.54 -11.81
CA GLU A 139 12.44 -4.32 -12.57
C GLU A 139 12.08 -3.89 -13.99
N ARG A 140 10.91 -4.25 -14.47
CA ARG A 140 10.44 -3.82 -15.77
C ARG A 140 9.47 -2.66 -15.60
N THR A 141 9.49 -2.04 -14.42
CA THR A 141 8.57 -0.94 -14.14
C THR A 141 9.35 0.32 -13.78
N THR A 142 9.11 1.36 -14.55
CA THR A 142 9.86 2.58 -14.39
C THR A 142 9.16 3.56 -13.50
N VAL A 143 9.86 3.96 -12.44
CA VAL A 143 9.34 4.88 -11.46
C VAL A 143 10.18 6.14 -11.45
N GLY A 144 9.50 7.27 -11.65
CA GLY A 144 10.12 8.59 -11.63
C GLY A 144 9.94 9.32 -10.31
N VAL A 145 11.02 9.97 -9.85
CA VAL A 145 10.96 10.85 -8.69
C VAL A 145 11.41 12.27 -9.13
N LEU A 146 10.48 13.22 -9.00
CA LEU A 146 10.74 14.60 -9.23
C LEU A 146 11.18 15.25 -7.93
N GLY A 147 12.39 15.76 -7.92
CA GLY A 147 12.99 16.31 -6.74
C GLY A 147 13.96 15.32 -6.17
N LEU A 148 15.22 15.73 -6.03
CA LEU A 148 16.24 14.88 -5.46
C LEU A 148 16.98 15.56 -4.33
N GLY A 149 16.23 16.27 -3.49
CA GLY A 149 16.73 16.72 -2.21
C GLY A 149 16.79 15.57 -1.20
N GLU A 150 16.81 15.93 0.07
CA GLU A 150 16.88 14.94 1.13
C GLU A 150 15.72 13.94 1.03
N LEU A 151 14.50 14.44 0.78
CA LEU A 151 13.30 13.58 0.71
C LEU A 151 13.21 12.74 -0.57
N GLY A 152 13.39 13.39 -1.71
CA GLY A 152 13.42 12.72 -3.00
C GLY A 152 14.49 11.67 -3.16
N ALA A 153 15.66 11.97 -2.65
CA ALA A 153 16.76 11.00 -2.67
C ALA A 153 16.48 9.80 -1.77
N ALA A 154 15.95 10.05 -0.58
CA ALA A 154 15.62 8.95 0.36
C ALA A 154 14.56 8.08 -0.26
N ALA A 155 13.58 8.71 -0.87
CA ALA A 155 12.52 8.01 -1.55
C ALA A 155 13.02 7.20 -2.70
N ALA A 156 13.96 7.74 -3.44
CA ALA A 156 14.48 7.05 -4.60
C ALA A 156 15.23 5.80 -4.19
N LEU A 157 15.96 5.89 -3.07
CA LEU A 157 16.70 4.76 -2.57
C LEU A 157 15.82 3.65 -2.02
N ARG A 158 14.69 4.00 -1.39
CA ARG A 158 13.75 2.95 -0.99
C ARG A 158 13.21 2.27 -2.23
N LEU A 159 12.88 3.05 -3.27
CA LEU A 159 12.22 2.49 -4.43
C LEU A 159 13.17 1.60 -5.15
N ARG A 160 14.40 2.09 -5.31
CA ARG A 160 15.48 1.30 -5.88
C ARG A 160 15.60 -0.05 -5.17
N ASP A 161 15.65 -0.04 -3.82
CA ASP A 161 15.87 -1.27 -3.07
C ASP A 161 14.66 -2.20 -3.15
N ALA A 162 13.51 -1.66 -3.50
CA ALA A 162 12.31 -2.46 -3.84
C ALA A 162 12.35 -3.16 -5.20
N GLY A 163 13.34 -2.83 -6.05
CA GLY A 163 13.48 -3.43 -7.36
C GLY A 163 12.96 -2.64 -8.55
N PHE A 164 12.40 -1.45 -8.32
CA PHE A 164 11.86 -0.66 -9.41
C PHE A 164 12.97 -0.07 -10.26
N ASP A 165 12.68 0.19 -11.53
CA ASP A 165 13.61 0.87 -12.41
C ASP A 165 13.48 2.39 -12.17
N VAL A 166 14.34 2.93 -11.32
CA VAL A 166 14.10 4.29 -10.81
C VAL A 166 14.86 5.38 -11.60
N HIS A 167 14.09 6.37 -12.03
CA HIS A 167 14.58 7.59 -12.67
C HIS A 167 14.36 8.73 -11.74
N GLY A 168 15.35 9.60 -11.68
CA GLY A 168 15.34 10.79 -10.83
C GLY A 168 15.51 12.04 -11.68
N TRP A 169 14.80 13.10 -11.32
CA TRP A 169 15.01 14.41 -11.90
C TRP A 169 15.24 15.47 -10.84
N SER A 170 16.20 16.34 -11.13
CA SER A 170 16.49 17.52 -10.37
C SER A 170 16.95 18.66 -11.30
N ARG A 171 16.89 19.91 -10.82
CA ARG A 171 17.30 21.06 -11.61
C ARG A 171 18.86 21.07 -11.75
N SER A 172 19.56 20.71 -10.68
CA SER A 172 21.02 20.58 -10.69
C SER A 172 21.43 19.11 -10.89
N PRO A 173 22.71 18.87 -11.21
CA PRO A 173 23.19 17.47 -11.32
C PRO A 173 23.21 16.76 -9.98
N LYS A 174 22.83 15.50 -10.00
CA LYS A 174 22.81 14.64 -8.82
C LYS A 174 23.29 13.27 -9.28
N GLU A 175 23.96 12.57 -8.40
CA GLU A 175 24.44 11.23 -8.73
C GLU A 175 24.00 10.35 -7.56
N ILE A 176 23.07 9.44 -7.84
CA ILE A 176 22.61 8.50 -6.87
C ILE A 176 22.77 7.13 -7.47
N ALA A 177 23.47 6.26 -6.76
CA ALA A 177 23.80 4.93 -7.25
C ALA A 177 22.56 4.13 -7.57
N GLY A 178 22.63 3.36 -8.66
CA GLY A 178 21.50 2.53 -9.11
C GLY A 178 20.22 3.24 -9.48
N VAL A 179 20.29 4.54 -9.77
CA VAL A 179 19.16 5.40 -10.11
C VAL A 179 19.59 6.22 -11.32
N THR A 180 18.78 6.24 -12.38
CA THR A 180 19.15 7.06 -13.54
C THR A 180 18.66 8.47 -13.22
N CYS A 181 19.64 9.37 -13.05
CA CYS A 181 19.42 10.75 -12.67
C CYS A 181 19.51 11.69 -13.86
N HIS A 182 18.49 12.52 -14.02
CA HIS A 182 18.35 13.47 -15.12
C HIS A 182 18.50 14.87 -14.54
N ALA A 183 19.19 15.75 -15.27
CA ALA A 183 19.46 17.11 -14.79
C ALA A 183 18.99 18.22 -15.74
N GLY A 184 18.27 19.19 -15.17
CA GLY A 184 17.83 20.40 -15.84
C GLY A 184 16.52 20.27 -16.58
N GLU A 185 15.83 21.40 -16.74
CA GLU A 185 14.50 21.45 -17.37
C GLU A 185 14.52 20.87 -18.79
N GLU A 186 15.68 20.96 -19.43
CA GLU A 186 15.89 20.38 -20.76
C GLU A 186 15.59 18.86 -20.80
N THR A 187 16.02 18.13 -19.77
CA THR A 187 15.86 16.65 -19.74
C THR A 187 14.54 16.14 -19.15
N LEU A 188 13.72 17.07 -18.66
CA LEU A 188 12.51 16.74 -17.92
C LEU A 188 11.53 15.93 -18.76
N GLU A 189 11.31 16.38 -19.98
CA GLU A 189 10.29 15.79 -20.85
C GLU A 189 10.73 14.39 -21.30
N ARG A 190 12.03 14.21 -21.50
CA ARG A 190 12.57 12.88 -21.83
C ARG A 190 12.42 11.95 -20.66
N MET A 191 12.60 12.48 -19.44
CA MET A 191 12.42 11.71 -18.21
C MET A 191 10.95 11.33 -18.01
N LEU A 192 10.04 12.30 -18.14
CA LEU A 192 8.60 12.03 -17.98
C LEU A 192 8.12 11.00 -18.97
N GLY A 193 8.68 11.05 -20.18
CA GLY A 193 8.40 10.11 -21.24
C GLY A 193 8.55 8.63 -20.94
N GLN A 194 9.48 8.29 -20.06
CA GLN A 194 9.80 6.92 -19.74
C GLN A 194 9.19 6.36 -18.46
N VAL A 195 8.39 7.16 -17.76
CA VAL A 195 8.02 6.89 -16.39
C VAL A 195 6.56 6.43 -16.32
N GLU A 196 6.34 5.21 -15.81
CA GLU A 196 4.96 4.68 -15.52
C GLU A 196 4.31 5.26 -14.23
N ILE A 197 5.12 5.48 -13.20
CA ILE A 197 4.60 6.02 -11.93
C ILE A 197 5.50 7.18 -11.61
N LEU A 198 4.91 8.32 -11.34
CA LEU A 198 5.67 9.54 -10.99
C LEU A 198 5.35 9.97 -9.57
N VAL A 199 6.39 10.08 -8.75
CA VAL A 199 6.30 10.57 -7.37
C VAL A 199 6.92 11.95 -7.28
N CYS A 200 6.11 12.94 -6.87
CA CYS A 200 6.55 14.34 -6.77
CA CYS A 200 6.54 14.34 -6.78
C CYS A 200 6.95 14.73 -5.37
N LEU A 201 8.21 15.15 -5.22
CA LEU A 201 8.81 15.56 -3.97
C LEU A 201 9.65 16.83 -4.18
N LEU A 202 9.18 17.72 -5.03
CA LEU A 202 9.84 19.00 -5.31
C LEU A 202 9.44 20.08 -4.32
N PRO A 203 10.40 20.92 -3.86
CA PRO A 203 9.97 22.20 -3.21
C PRO A 203 9.30 23.20 -4.17
N LEU A 204 8.36 23.99 -3.65
CA LEU A 204 7.62 25.04 -4.42
C LEU A 204 8.43 26.33 -4.52
N THR A 205 8.78 26.71 -5.74
CA THR A 205 9.39 28.03 -5.99
C THR A 205 8.80 28.64 -7.27
N GLY A 206 9.26 29.82 -7.64
CA GLY A 206 8.96 30.40 -8.94
C GLY A 206 9.15 29.46 -10.11
N GLU A 207 10.29 28.76 -10.14
CA GLU A 207 10.65 27.92 -11.32
C GLU A 207 9.90 26.60 -11.33
N THR A 208 9.32 26.18 -10.20
CA THR A 208 8.52 24.92 -10.12
C THR A 208 7.00 25.10 -10.04
N ARG A 209 6.51 26.31 -9.78
CA ARG A 209 5.06 26.59 -9.78
C ARG A 209 4.54 26.26 -11.17
N GLY A 210 3.51 25.43 -11.25
CA GLY A 210 2.96 25.05 -12.54
C GLY A 210 3.90 24.25 -13.43
N LEU A 211 4.92 23.61 -12.85
CA LEU A 211 5.85 22.78 -13.62
C LEU A 211 5.12 21.64 -14.31
N LEU A 212 4.18 21.01 -13.61
CA LEU A 212 3.34 19.98 -14.23
C LEU A 212 2.02 20.54 -14.76
N ASP A 213 2.15 21.13 -15.95
CA ASP A 213 1.08 21.79 -16.65
C ASP A 213 0.54 20.82 -17.68
N ALA A 214 -0.39 21.30 -18.51
CA ALA A 214 -1.02 20.48 -19.55
C ALA A 214 -0.01 19.78 -20.46
N ARG A 215 0.99 20.54 -20.92
CA ARG A 215 2.05 20.09 -21.82
C ARG A 215 2.82 18.98 -21.18
N ARG A 216 3.36 19.25 -20.00
CA ARG A 216 4.20 18.26 -19.34
C ARG A 216 3.48 16.98 -18.93
N LEU A 217 2.24 17.08 -18.49
CA LEU A 217 1.45 15.88 -18.20
C LEU A 217 1.34 15.00 -19.44
N ALA A 218 1.06 15.61 -20.61
CA ALA A 218 1.02 14.90 -21.92
C ALA A 218 2.30 14.16 -22.31
N CYS A 219 3.45 14.58 -21.77
CA CYS A 219 4.70 13.85 -21.99
C CYS A 219 4.72 12.44 -21.36
N LEU A 220 3.99 12.22 -20.28
CA LEU A 220 3.93 10.89 -19.64
C LEU A 220 3.27 9.87 -20.57
N PRO A 221 3.66 8.59 -20.46
CA PRO A 221 2.95 7.55 -21.17
C PRO A 221 1.46 7.50 -20.83
N GLU A 222 0.67 7.04 -21.79
CA GLU A 222 -0.77 6.82 -21.57
C GLU A 222 -0.97 5.83 -20.39
N GLY A 223 -1.83 6.19 -19.46
CA GLY A 223 -2.07 5.39 -18.28
C GLY A 223 -1.11 5.60 -17.11
N ALA A 224 -0.18 6.54 -17.23
CA ALA A 224 0.77 6.77 -16.18
C ALA A 224 0.02 7.28 -14.95
N GLN A 225 0.60 6.98 -13.80
CA GLN A 225 -0.01 7.26 -12.54
C GLN A 225 0.88 8.18 -11.76
N ILE A 226 0.27 9.09 -11.01
CA ILE A 226 1.04 10.09 -10.31
CA ILE A 226 0.98 10.15 -10.34
C ILE A 226 0.71 10.12 -8.81
N VAL A 227 1.71 10.49 -8.02
CA VAL A 227 1.63 10.60 -6.54
C VAL A 227 2.21 12.00 -6.25
N ASN A 228 1.40 12.88 -5.69
CA ASN A 228 1.87 14.21 -5.33
C ASN A 228 2.03 14.39 -3.78
N PHE A 229 3.27 14.33 -3.36
CA PHE A 229 3.64 14.63 -1.97
C PHE A 229 4.40 15.94 -1.85
N ALA A 230 4.31 16.79 -2.88
CA ALA A 230 5.13 18.02 -2.97
C ALA A 230 4.31 19.22 -2.42
N ARG A 231 3.63 19.96 -3.31
CA ARG A 231 2.70 21.00 -2.96
C ARG A 231 1.66 21.08 -4.11
N GLY A 232 0.46 21.57 -3.81
CA GLY A 232 -0.60 21.77 -4.79
C GLY A 232 -0.19 22.48 -6.08
N PRO A 233 0.37 23.71 -5.98
CA PRO A 233 0.79 24.52 -7.15
C PRO A 233 1.85 23.97 -8.11
N ILE A 234 2.53 22.87 -7.79
CA ILE A 234 3.48 22.20 -8.70
C ILE A 234 2.74 21.59 -9.88
N LEU A 235 1.48 21.26 -9.63
CA LEU A 235 0.60 20.53 -10.53
C LEU A 235 -0.60 21.39 -10.89
N ASP A 236 -0.93 21.49 -12.19
CA ASP A 236 -2.07 22.29 -12.66
C ASP A 236 -3.36 21.49 -12.50
N SER A 237 -4.19 21.89 -11.55
CA SER A 237 -5.38 21.12 -11.15
C SER A 237 -6.32 20.76 -12.28
N ALA A 238 -6.70 21.78 -13.04
CA ALA A 238 -7.67 21.60 -14.11
C ALA A 238 -7.07 20.74 -15.22
N ALA A 239 -5.81 20.95 -15.51
CA ALA A 239 -5.09 20.10 -16.46
C ALA A 239 -5.01 18.63 -15.99
N LEU A 240 -4.77 18.39 -14.70
CA LEU A 240 -4.81 17.02 -14.15
C LEU A 240 -6.18 16.38 -14.31
N ILE A 241 -7.23 17.12 -14.01
CA ILE A 241 -8.62 16.61 -14.19
C ILE A 241 -8.92 16.21 -15.66
N GLU A 242 -8.50 17.04 -16.60
CA GLU A 242 -8.77 16.76 -18.03
C GLU A 242 -7.97 15.52 -18.45
N ALA A 243 -6.77 15.34 -17.87
CA ALA A 243 -5.88 14.21 -18.21
C ALA A 243 -6.35 12.93 -17.63
N LEU A 244 -6.99 13.04 -16.47
CA LEU A 244 -7.62 11.93 -15.83
C LEU A 244 -8.81 11.49 -16.63
N ASP A 245 -9.64 12.45 -17.01
CA ASP A 245 -10.87 12.14 -17.76
C ASP A 245 -10.57 11.47 -19.08
N SER A 246 -9.60 12.04 -19.81
CA SER A 246 -9.26 11.56 -21.16
C SER A 246 -8.58 10.19 -21.16
N GLY A 247 -8.01 9.81 -20.02
CA GLY A 247 -7.29 8.54 -19.88
C GLY A 247 -5.78 8.66 -19.98
N ARG A 248 -5.27 9.84 -20.34
CA ARG A 248 -3.84 10.08 -20.41
C ARG A 248 -3.16 9.66 -19.09
N ILE A 249 -3.67 10.16 -17.97
CA ILE A 249 -3.23 9.78 -16.61
C ILE A 249 -4.26 8.80 -16.03
N GLY A 250 -3.77 7.67 -15.51
CA GLY A 250 -4.62 6.56 -15.07
C GLY A 250 -5.16 6.76 -13.66
N HIS A 251 -4.32 7.32 -12.80
CA HIS A 251 -4.67 7.53 -11.39
C HIS A 251 -3.73 8.53 -10.76
N ALA A 252 -4.26 9.26 -9.78
CA ALA A 252 -3.50 10.22 -9.05
C ALA A 252 -3.79 10.10 -7.55
N VAL A 253 -2.72 9.90 -6.77
CA VAL A 253 -2.74 9.94 -5.27
C VAL A 253 -2.31 11.35 -4.88
N LEU A 254 -3.20 12.12 -4.31
CA LEU A 254 -2.93 13.55 -3.96
C LEU A 254 -3.02 13.82 -2.43
N ASP A 255 -1.93 14.31 -1.88
CA ASP A 255 -1.76 14.56 -0.42
C ASP A 255 -1.72 16.03 -0.06
N VAL A 256 -1.50 16.87 -1.08
CA VAL A 256 -1.23 18.31 -0.91
C VAL A 256 -2.12 19.10 -1.90
N PHE A 257 -2.68 20.20 -1.44
CA PHE A 257 -3.65 20.97 -2.19
C PHE A 257 -3.41 22.46 -1.94
N GLU A 258 -3.79 23.30 -2.91
CA GLU A 258 -3.60 24.77 -2.79
C GLU A 258 -4.37 25.31 -1.59
N VAL A 259 -5.55 24.74 -1.35
CA VAL A 259 -6.38 25.05 -0.20
C VAL A 259 -6.59 23.83 0.68
N GLU A 260 -6.26 23.94 1.97
CA GLU A 260 -6.35 22.84 2.91
C GLU A 260 -6.94 23.32 4.21
N PRO A 261 -7.96 22.65 4.79
CA PRO A 261 -8.59 21.43 4.29
C PRO A 261 -9.14 21.59 2.89
N LEU A 262 -9.05 20.54 2.10
CA LEU A 262 -9.61 20.54 0.76
C LEU A 262 -11.08 20.83 0.89
N PRO A 263 -11.58 21.88 0.21
CA PRO A 263 -13.02 22.15 0.35
C PRO A 263 -13.92 21.00 -0.12
N GLU A 264 -15.06 20.81 0.55
CA GLU A 264 -16.05 19.77 0.21
C GLU A 264 -16.43 19.74 -1.28
N ALA A 265 -16.43 20.89 -1.93
CA ALA A 265 -16.82 21.01 -3.36
C ALA A 265 -15.68 20.67 -4.34
N SER A 266 -14.45 20.36 -3.84
CA SER A 266 -13.42 19.94 -4.79
C SER A 266 -13.89 18.69 -5.55
N PRO A 267 -13.69 18.65 -6.86
CA PRO A 267 -14.04 17.43 -7.62
C PRO A 267 -13.10 16.28 -7.31
N PHE A 268 -11.92 16.55 -6.83
CA PHE A 268 -11.02 15.47 -6.34
C PHE A 268 -11.61 14.46 -5.37
N TRP A 269 -12.49 14.90 -4.48
CA TRP A 269 -13.09 13.98 -3.51
C TRP A 269 -13.84 12.83 -4.24
N GLY A 270 -14.71 13.20 -5.14
CA GLY A 270 -15.55 12.23 -5.81
C GLY A 270 -14.92 11.49 -6.95
N HIS A 271 -13.74 11.94 -7.42
CA HIS A 271 -13.23 11.49 -8.70
C HIS A 271 -12.74 10.04 -8.65
N PRO A 272 -13.19 9.22 -9.63
CA PRO A 272 -12.87 7.77 -9.57
C PRO A 272 -11.39 7.41 -9.67
N LYS A 273 -10.65 8.25 -10.38
CA LYS A 273 -9.22 8.07 -10.56
C LYS A 273 -8.38 8.87 -9.62
N VAL A 274 -8.98 9.36 -8.55
CA VAL A 274 -8.20 10.13 -7.59
C VAL A 274 -8.28 9.50 -6.21
N THR A 275 -7.15 9.36 -5.57
CA THR A 275 -7.09 9.01 -4.10
C THR A 275 -6.67 10.29 -3.34
N VAL A 276 -7.54 10.79 -2.46
CA VAL A 276 -7.28 11.98 -1.65
C VAL A 276 -6.72 11.58 -0.28
N LEU A 277 -5.56 12.08 0.09
CA LEU A 277 -5.00 11.93 1.44
C LEU A 277 -4.90 13.29 2.14
N PRO A 278 -5.24 13.38 3.42
CA PRO A 278 -5.21 14.69 4.09
C PRO A 278 -3.87 15.23 4.61
N HIS A 279 -2.91 15.40 3.73
CA HIS A 279 -1.59 15.92 4.07
C HIS A 279 -0.92 15.14 5.20
N ILE A 280 -0.76 13.87 4.98
CA ILE A 280 -0.18 12.98 6.00
C ILE A 280 0.96 12.11 5.52
N SER A 281 1.46 12.27 4.28
CA SER A 281 2.54 11.35 3.80
C SER A 281 3.71 11.27 4.82
N ALA A 282 4.15 12.45 5.21
CA ALA A 282 5.32 12.58 6.02
C ALA A 282 5.08 12.82 7.54
N ALA A 283 3.83 12.80 8.01
CA ALA A 283 3.52 13.14 9.43
C ALA A 283 4.40 12.42 10.47
N THR A 284 4.70 13.13 11.53
CA THR A 284 5.35 12.55 12.69
C THR A 284 4.29 11.86 13.58
N ASP A 285 4.67 10.79 14.24
CA ASP A 285 3.80 10.20 15.25
C ASP A 285 3.68 11.21 16.43
N PRO A 286 2.52 11.25 17.07
CA PRO A 286 2.33 12.37 17.99
C PRO A 286 3.20 12.25 19.24
N GLU A 287 3.58 11.04 19.57
CA GLU A 287 4.47 10.84 20.72
C GLU A 287 5.79 11.57 20.47
N THR A 288 6.38 11.33 19.31
CA THR A 288 7.65 11.97 18.92
C THR A 288 7.48 13.46 18.74
N ALA A 289 6.40 13.88 18.09
CA ALA A 289 6.16 15.27 17.82
C ALA A 289 5.99 15.99 19.15
N SER A 290 5.13 15.46 20.02
CA SER A 290 4.96 15.98 21.36
C SER A 290 6.27 16.11 22.14
N ALA A 291 7.09 15.08 22.16
CA ALA A 291 8.38 15.14 22.87
C ALA A 291 9.33 16.24 22.34
N ILE A 292 9.22 16.56 21.06
CA ILE A 292 10.02 17.65 20.45
C ILE A 292 9.47 19.01 20.86
N VAL A 293 8.15 19.14 20.88
CA VAL A 293 7.51 20.37 21.33
C VAL A 293 7.94 20.51 22.81
N GLY A 294 7.71 19.47 23.58
CA GLY A 294 8.16 19.40 24.97
C GLY A 294 9.57 19.89 25.23
N ALA A 295 10.51 19.45 24.42
CA ALA A 295 11.90 19.84 24.63
C ALA A 295 12.11 21.32 24.33
N HIS A 296 11.53 21.79 23.24
CA HIS A 296 11.51 23.21 22.91
C HIS A 296 10.88 24.08 23.97
N VAL A 297 9.73 23.65 24.49
CA VAL A 297 9.04 24.41 25.52
C VAL A 297 9.92 24.44 26.76
N ALA A 298 10.52 23.31 27.10
CA ALA A 298 11.28 23.16 28.35
C ALA A 298 12.52 24.01 28.32
N ASP A 299 13.08 24.14 27.13
CA ASP A 299 14.29 24.93 26.91
C ASP A 299 13.99 26.42 27.05
N TYR A 300 12.81 26.84 26.57
CA TYR A 300 12.37 28.21 26.75
C TYR A 300 12.07 28.50 28.22
N ARG A 301 11.47 27.56 28.93
CA ARG A 301 11.19 27.80 30.37
C ARG A 301 12.51 27.93 31.16
N ALA A 302 13.52 27.17 30.73
CA ALA A 302 14.87 27.16 31.35
C ALA A 302 15.74 28.36 30.98
N THR A 303 15.80 28.68 29.69
CA THR A 303 16.74 29.66 29.17
C THR A 303 16.09 30.96 28.67
N GLY A 304 14.76 31.01 28.55
CA GLY A 304 14.13 32.12 27.84
C GLY A 304 14.48 32.20 26.35
N ARG A 305 15.16 31.17 25.82
CA ARG A 305 15.59 31.15 24.43
C ARG A 305 14.44 30.58 23.58
N ILE A 306 13.90 31.41 22.69
CA ILE A 306 12.91 30.95 21.70
C ILE A 306 13.69 30.04 20.75
N PRO A 307 13.16 28.88 20.38
CA PRO A 307 13.86 28.06 19.37
C PRO A 307 13.97 28.75 17.99
N PRO A 308 14.86 28.26 17.12
CA PRO A 308 14.96 28.84 15.78
C PRO A 308 13.60 28.88 15.13
N SER A 309 13.19 30.06 14.67
CA SER A 309 11.85 30.30 14.14
C SER A 309 11.92 30.47 12.63
N VAL A 310 10.82 30.87 12.01
CA VAL A 310 10.76 31.12 10.57
C VAL A 310 10.73 32.63 10.33
N ASP A 311 11.23 33.08 9.16
CA ASP A 311 11.18 34.51 8.76
C ASP A 311 9.89 35.25 9.19
N SER B 3 -2.09 -36.70 -37.28
CA SER B 3 -1.97 -35.52 -38.18
C SER B 3 -1.24 -34.33 -37.56
N MET B 4 -1.66 -33.91 -36.35
CA MET B 4 -1.02 -32.88 -35.51
C MET B 4 -1.55 -32.82 -34.04
N SER B 5 -0.80 -32.12 -33.18
CA SER B 5 -1.16 -31.89 -31.76
C SER B 5 -1.43 -30.45 -31.52
N ARG B 6 -2.07 -30.17 -30.41
CA ARG B 6 -2.26 -28.81 -30.01
C ARG B 6 -2.48 -28.62 -28.51
N ILE B 7 -2.39 -27.36 -28.11
CA ILE B 7 -2.50 -26.93 -26.71
C ILE B 7 -3.68 -25.96 -26.48
N ALA B 8 -4.40 -26.25 -25.40
CA ALA B 8 -5.49 -25.44 -24.98
C ALA B 8 -5.11 -24.74 -23.70
N LEU B 9 -5.42 -23.45 -23.72
CA LEU B 9 -5.29 -22.60 -22.58
C LEU B 9 -6.66 -22.48 -21.90
N VAL B 10 -6.78 -23.09 -20.72
CA VAL B 10 -8.09 -23.27 -20.09
C VAL B 10 -8.11 -22.55 -18.76
N THR B 11 -8.70 -21.36 -18.73
CA THR B 11 -8.70 -20.59 -17.48
C THR B 11 -10.07 -20.03 -17.14
N ARG B 12 -10.19 -19.57 -15.91
CA ARG B 12 -11.28 -18.71 -15.50
C ARG B 12 -10.73 -17.39 -14.98
N LEU B 13 -9.75 -16.85 -15.69
CA LEU B 13 -9.22 -15.52 -15.47
C LEU B 13 -9.96 -14.55 -16.35
N SER B 14 -9.70 -13.26 -16.14
CA SER B 14 -10.27 -12.22 -17.00
C SER B 14 -9.75 -12.49 -18.42
N PRO B 15 -10.50 -12.08 -19.46
CA PRO B 15 -10.02 -12.28 -20.83
C PRO B 15 -8.65 -11.63 -21.11
N GLU B 16 -8.46 -10.41 -20.63
CA GLU B 16 -7.16 -9.73 -20.78
C GLU B 16 -6.03 -10.40 -19.99
N ALA B 17 -6.33 -10.98 -18.82
CA ALA B 17 -5.31 -11.78 -18.10
C ALA B 17 -4.96 -13.07 -18.87
N GLU B 18 -5.96 -13.76 -19.40
CA GLU B 18 -5.72 -14.92 -20.24
C GLU B 18 -4.91 -14.59 -21.52
N ALA B 19 -5.27 -13.53 -22.20
CA ALA B 19 -4.58 -13.07 -23.38
C ALA B 19 -3.11 -12.68 -23.10
N HIS B 20 -2.85 -12.10 -21.93
CA HIS B 20 -1.50 -11.75 -21.47
C HIS B 20 -0.66 -13.01 -21.42
N TRP B 21 -1.21 -14.03 -20.78
CA TRP B 21 -0.56 -15.34 -20.75
C TRP B 21 -0.39 -15.96 -22.19
N ALA B 22 -1.45 -15.95 -23.01
CA ALA B 22 -1.38 -16.51 -24.34
C ALA B 22 -0.20 -15.94 -25.10
N GLY B 23 -0.14 -14.63 -25.23
CA GLY B 23 1.01 -13.91 -25.82
C GLY B 23 2.37 -14.39 -25.31
N HIS B 24 2.51 -14.55 -24.00
CA HIS B 24 3.80 -14.96 -23.45
C HIS B 24 4.13 -16.40 -23.71
N LEU B 25 3.14 -17.25 -23.52
CA LEU B 25 3.27 -18.64 -23.88
C LEU B 25 3.59 -18.85 -25.37
N ALA B 26 2.95 -18.10 -26.26
CA ALA B 26 3.24 -18.18 -27.69
C ALA B 26 4.71 -17.88 -27.95
N ARG B 27 5.23 -16.82 -27.33
CA ARG B 27 6.67 -16.52 -27.43
C ARG B 27 7.54 -17.65 -26.92
N ALA B 28 7.20 -18.20 -25.77
CA ALA B 28 8.02 -19.30 -25.17
C ALA B 28 7.91 -20.62 -25.95
N LEU B 29 6.83 -20.77 -26.72
CA LEU B 29 6.50 -21.99 -27.46
C LEU B 29 6.08 -21.70 -28.89
N PRO B 30 6.95 -21.06 -29.68
CA PRO B 30 6.55 -20.66 -31.03
C PRO B 30 6.10 -21.81 -31.96
N GLY B 31 6.78 -22.96 -31.92
CA GLY B 31 6.34 -24.18 -32.62
C GLY B 31 4.92 -24.71 -32.39
N GLU B 32 4.29 -24.35 -31.27
CA GLU B 32 3.03 -24.97 -30.82
C GLU B 32 1.81 -24.18 -31.26
N ARG B 33 0.67 -24.85 -31.25
CA ARG B 33 -0.60 -24.18 -31.51
C ARG B 33 -1.32 -24.01 -30.21
N ILE B 34 -1.49 -22.78 -29.77
CA ILE B 34 -2.10 -22.50 -28.48
C ILE B 34 -3.31 -21.63 -28.67
N ASP B 35 -4.45 -22.03 -28.13
CA ASP B 35 -5.67 -21.25 -28.25
C ASP B 35 -6.39 -21.25 -26.96
N GLY B 36 -7.15 -20.16 -26.72
CA GLY B 36 -8.10 -20.15 -25.60
C GLY B 36 -9.14 -21.23 -25.83
N PHE B 37 -9.51 -21.97 -24.78
CA PHE B 37 -10.51 -23.05 -24.89
C PHE B 37 -11.75 -22.68 -25.70
N ARG B 38 -12.31 -21.50 -25.43
CA ARG B 38 -13.51 -20.99 -26.11
C ARG B 38 -13.35 -20.86 -27.62
N GLU B 39 -12.12 -20.70 -28.09
CA GLU B 39 -11.84 -20.48 -29.51
C GLU B 39 -11.79 -21.77 -30.32
N LEU B 40 -11.73 -22.92 -29.64
CA LEU B 40 -11.54 -24.20 -30.32
C LEU B 40 -12.89 -24.83 -30.67
N SER B 41 -12.99 -25.27 -31.91
CA SER B 41 -14.11 -26.10 -32.38
C SER B 41 -13.98 -27.55 -31.85
N PRO B 42 -15.09 -28.33 -31.88
CA PRO B 42 -15.04 -29.71 -31.36
C PRO B 42 -13.99 -30.63 -32.03
N ALA B 43 -13.74 -30.42 -33.31
CA ALA B 43 -12.68 -31.13 -34.04
C ALA B 43 -11.31 -30.75 -33.51
N GLU B 44 -11.08 -29.46 -33.34
CA GLU B 44 -9.82 -28.92 -32.80
C GLU B 44 -9.57 -29.40 -31.37
N ARG B 45 -10.63 -29.47 -30.55
CA ARG B 45 -10.54 -29.97 -29.17
C ARG B 45 -10.04 -31.40 -29.04
N ALA B 46 -10.41 -32.22 -30.02
CA ALA B 46 -9.98 -33.62 -30.09
C ALA B 46 -8.48 -33.75 -30.42
N GLU B 47 -7.90 -32.69 -30.99
CA GLU B 47 -6.45 -32.60 -31.21
C GLU B 47 -5.61 -32.26 -29.97
N VAL B 48 -6.25 -31.73 -28.92
CA VAL B 48 -5.50 -31.18 -27.76
C VAL B 48 -4.89 -32.28 -26.91
N ASP B 49 -3.58 -32.24 -26.68
CA ASP B 49 -2.92 -33.21 -25.80
C ASP B 49 -2.36 -32.66 -24.49
N ILE B 50 -2.23 -31.33 -24.44
CA ILE B 50 -1.73 -30.61 -23.26
C ILE B 50 -2.69 -29.47 -22.98
N ALA B 51 -3.05 -29.35 -21.72
CA ALA B 51 -3.84 -28.23 -21.21
C ALA B 51 -2.98 -27.41 -20.27
N ILE B 52 -2.90 -26.13 -20.57
CA ILE B 52 -2.24 -25.17 -19.69
C ILE B 52 -3.35 -24.46 -18.98
N VAL B 53 -3.30 -24.44 -17.65
CA VAL B 53 -4.51 -24.11 -16.86
C VAL B 53 -4.26 -23.12 -15.77
N ALA B 54 -5.32 -22.36 -15.45
CA ALA B 54 -5.34 -21.54 -14.23
C ALA B 54 -6.78 -21.47 -13.75
N ASN B 55 -7.04 -22.16 -12.64
CA ASN B 55 -8.40 -22.37 -12.14
C ASN B 55 -9.35 -22.75 -13.26
N PRO B 56 -9.00 -23.80 -14.01
CA PRO B 56 -9.88 -24.17 -15.09
C PRO B 56 -11.25 -24.61 -14.58
N ASP B 57 -12.21 -24.53 -15.49
CA ASP B 57 -13.53 -25.10 -15.29
C ASP B 57 -13.34 -26.59 -15.63
N PRO B 58 -13.55 -27.50 -14.67
CA PRO B 58 -13.49 -28.92 -15.06
C PRO B 58 -14.35 -29.28 -16.30
N ALA B 59 -15.52 -28.64 -16.43
CA ALA B 59 -16.43 -28.88 -17.57
C ALA B 59 -15.74 -28.70 -18.90
N ASP B 60 -14.86 -27.70 -18.98
CA ASP B 60 -14.05 -27.45 -20.18
C ASP B 60 -13.00 -28.55 -20.39
N LEU B 61 -12.29 -28.91 -19.32
CA LEU B 61 -11.25 -29.96 -19.40
C LEU B 61 -11.83 -31.30 -19.82
N ALA B 62 -13.06 -31.56 -19.40
CA ALA B 62 -13.79 -32.75 -19.82
C ALA B 62 -14.17 -32.78 -21.32
N GLU B 63 -14.19 -31.61 -21.96
CA GLU B 63 -14.49 -31.52 -23.39
C GLU B 63 -13.23 -31.74 -24.24
N LEU B 64 -12.09 -32.05 -23.61
CA LEU B 64 -10.84 -32.41 -24.30
C LEU B 64 -10.56 -33.90 -24.13
N PRO B 65 -10.95 -34.70 -25.13
CA PRO B 65 -10.87 -36.18 -24.96
C PRO B 65 -9.47 -36.81 -24.83
N ASN B 66 -8.62 -36.56 -25.83
CA ASN B 66 -7.23 -37.10 -25.95
C ASN B 66 -6.16 -36.31 -25.20
N LEU B 67 -6.61 -35.67 -24.11
CA LEU B 67 -5.76 -34.95 -23.21
C LEU B 67 -4.82 -35.91 -22.50
N VAL B 68 -3.52 -35.57 -22.44
CA VAL B 68 -2.51 -36.45 -21.85
C VAL B 68 -2.06 -35.95 -20.48
N TRP B 69 -1.73 -34.67 -20.42
CA TRP B 69 -1.34 -34.02 -19.19
C TRP B 69 -1.67 -32.54 -19.16
N ILE B 70 -1.56 -32.03 -17.94
CA ILE B 70 -1.92 -30.67 -17.56
C ILE B 70 -0.72 -29.93 -16.91
N HIS B 71 -0.53 -28.69 -17.34
CA HIS B 71 0.41 -27.79 -16.71
C HIS B 71 -0.36 -26.63 -16.09
N SER B 72 -0.24 -26.53 -14.76
CA SER B 72 -0.82 -25.41 -14.06
C SER B 72 0.14 -24.22 -14.16
N LEU B 73 -0.46 -23.04 -14.21
CA LEU B 73 0.26 -21.79 -14.09
C LEU B 73 0.44 -21.37 -12.64
N TRP B 74 -0.16 -22.12 -11.72
CA TRP B 74 -0.08 -21.83 -10.28
C TRP B 74 0.85 -22.77 -9.54
N ALA B 75 1.37 -22.33 -8.40
CA ALA B 75 2.24 -23.14 -7.54
C ALA B 75 1.45 -24.14 -6.66
N GLY B 76 0.35 -23.67 -6.12
CA GLY B 76 -0.53 -24.47 -5.26
C GLY B 76 -1.61 -25.12 -6.08
N VAL B 77 -1.43 -26.42 -6.36
CA VAL B 77 -2.40 -27.18 -7.16
C VAL B 77 -3.17 -28.23 -6.33
N GLU B 78 -3.18 -28.07 -5.01
CA GLU B 78 -3.77 -29.10 -4.10
C GLU B 78 -5.28 -29.25 -4.37
N ARG B 79 -5.94 -28.10 -4.53
CA ARG B 79 -7.34 -28.03 -4.97
C ARG B 79 -7.53 -28.88 -6.22
N LEU B 80 -6.68 -28.61 -7.21
CA LEU B 80 -6.79 -29.17 -8.56
C LEU B 80 -6.59 -30.69 -8.61
N VAL B 81 -5.50 -31.19 -8.01
CA VAL B 81 -5.19 -32.64 -7.99
C VAL B 81 -6.34 -33.48 -7.42
N ALA B 82 -6.96 -33.00 -6.35
CA ALA B 82 -8.14 -33.64 -5.76
C ALA B 82 -9.32 -33.53 -6.73
N GLU B 83 -9.64 -32.31 -7.13
CA GLU B 83 -10.76 -32.04 -8.02
C GLU B 83 -10.66 -32.80 -9.34
N LEU B 84 -9.46 -32.99 -9.87
CA LEU B 84 -9.31 -33.63 -11.20
C LEU B 84 -8.82 -35.08 -11.07
N GLY B 85 -8.91 -35.61 -9.86
CA GLY B 85 -8.60 -37.03 -9.53
C GLY B 85 -9.26 -38.07 -10.43
N HIS B 86 -10.52 -37.80 -10.74
CA HIS B 86 -11.31 -38.61 -11.70
C HIS B 86 -10.76 -38.78 -13.13
N LEU B 87 -9.92 -37.85 -13.61
CA LEU B 87 -9.24 -37.96 -14.91
C LEU B 87 -7.94 -38.81 -14.87
N ALA B 88 -7.29 -38.89 -13.70
CA ALA B 88 -6.10 -39.71 -13.45
C ALA B 88 -5.04 -39.40 -14.49
N ARG B 89 -4.91 -38.10 -14.77
CA ARG B 89 -3.92 -37.57 -15.71
C ARG B 89 -2.89 -36.73 -14.95
N PRO B 90 -1.62 -36.86 -15.31
CA PRO B 90 -0.66 -36.05 -14.57
C PRO B 90 -0.95 -34.51 -14.54
N ILE B 91 -0.77 -33.91 -13.37
CA ILE B 91 -0.85 -32.47 -13.18
C ILE B 91 0.51 -31.99 -12.74
N VAL B 92 1.05 -31.04 -13.52
CA VAL B 92 2.36 -30.43 -13.26
C VAL B 92 2.15 -29.01 -12.73
N ARG B 93 2.74 -28.72 -11.56
CA ARG B 93 2.68 -27.36 -10.97
C ARG B 93 3.78 -26.51 -11.52
N LEU B 94 3.56 -25.20 -11.48
CA LEU B 94 4.61 -24.21 -11.76
C LEU B 94 5.43 -23.88 -10.46
N VAL B 95 6.65 -24.37 -10.43
CA VAL B 95 7.62 -24.02 -9.39
C VAL B 95 8.37 -22.85 -10.02
N ASP B 96 8.07 -21.66 -9.56
CA ASP B 96 8.64 -20.48 -10.15
C ASP B 96 9.54 -19.80 -9.14
N PRO B 97 10.82 -19.56 -9.51
CA PRO B 97 11.75 -19.00 -8.54
C PRO B 97 11.41 -17.60 -8.07
N GLU B 98 10.69 -16.84 -8.88
CA GLU B 98 10.30 -15.48 -8.57
C GLU B 98 9.12 -15.37 -7.64
N LEU B 99 8.45 -16.50 -7.34
CA LEU B 99 7.23 -16.48 -6.55
C LEU B 99 7.42 -15.96 -5.12
N ALA B 100 8.45 -16.48 -4.46
CA ALA B 100 8.79 -16.03 -3.13
C ALA B 100 9.00 -14.50 -3.08
N ARG B 101 9.70 -13.94 -4.06
CA ARG B 101 9.97 -12.47 -4.14
C ARG B 101 8.66 -11.65 -4.29
N THR B 102 7.86 -12.12 -5.21
CA THR B 102 6.59 -11.52 -5.53
C THR B 102 5.57 -11.65 -4.37
N MET B 103 5.63 -12.76 -3.67
CA MET B 103 4.69 -12.94 -2.56
C MET B 103 5.13 -12.08 -1.40
N ALA B 104 6.44 -12.00 -1.22
CA ALA B 104 6.99 -11.15 -0.16
C ALA B 104 6.66 -9.65 -0.44
N GLU B 105 6.84 -9.22 -1.68
CA GLU B 105 6.37 -7.90 -2.14
C GLU B 105 4.90 -7.64 -1.72
N ALA B 106 4.04 -8.59 -2.05
CA ALA B 106 2.61 -8.49 -1.74
C ALA B 106 2.32 -8.41 -0.28
N ALA B 107 2.94 -9.25 0.50
CA ALA B 107 2.87 -9.18 1.93
C ALA B 107 3.21 -7.78 2.36
N LEU B 108 4.34 -7.23 1.93
CA LEU B 108 4.68 -5.87 2.30
C LEU B 108 3.67 -4.79 1.85
N ALA B 109 3.31 -4.82 0.54
CA ALA B 109 2.42 -3.83 0.03
C ALA B 109 1.10 -3.81 0.78
N TRP B 110 0.51 -4.97 1.00
CA TRP B 110 -0.78 -4.97 1.70
C TRP B 110 -0.62 -4.74 3.22
N THR B 111 0.57 -5.04 3.82
CA THR B 111 0.75 -4.65 5.20
CA THR B 111 0.73 -4.64 5.22
C THR B 111 0.75 -3.14 5.21
N TYR B 112 1.45 -2.53 4.24
CA TYR B 112 1.48 -1.06 4.18
C TYR B 112 0.08 -0.49 3.98
N TYR B 113 -0.69 -1.11 3.13
CA TYR B 113 -2.10 -0.67 2.93
C TYR B 113 -2.81 -0.56 4.29
N LEU B 114 -2.64 -1.56 5.15
CA LEU B 114 -3.33 -1.57 6.44
C LEU B 114 -2.69 -0.61 7.42
N PHE B 115 -1.36 -0.66 7.47
CA PHE B 115 -0.57 0.08 8.44
C PHE B 115 -0.72 1.59 8.22
N ARG B 116 -0.66 1.98 6.96
CA ARG B 116 -0.80 3.38 6.64
C ARG B 116 -2.24 3.87 6.63
N ASP B 117 -3.22 3.04 7.05
CA ASP B 117 -4.63 3.47 7.20
C ASP B 117 -5.33 3.79 5.83
N MET B 118 -4.93 3.13 4.77
CA MET B 118 -5.53 3.41 3.48
C MET B 118 -7.00 3.17 3.41
N PRO B 119 -7.51 1.99 3.89
CA PRO B 119 -8.96 1.84 3.98
C PRO B 119 -9.68 2.97 4.69
N ALA B 120 -9.26 3.33 5.91
CA ALA B 120 -9.91 4.46 6.59
C ALA B 120 -9.85 5.78 5.84
N TYR B 121 -8.72 6.11 5.21
CA TYR B 121 -8.64 7.34 4.40
C TYR B 121 -9.61 7.24 3.22
N ALA B 122 -9.71 6.05 2.64
CA ALA B 122 -10.68 5.86 1.54
C ALA B 122 -12.10 6.10 2.02
N ALA B 123 -12.43 5.58 3.18
CA ALA B 123 -13.78 5.77 3.74
C ALA B 123 -14.10 7.24 4.03
N GLN B 124 -13.13 7.92 4.63
CA GLN B 124 -13.18 9.39 4.79
C GLN B 124 -13.33 10.16 3.46
N GLN B 125 -12.60 9.76 2.45
CA GLN B 125 -12.68 10.41 1.14
C GLN B 125 -14.08 10.35 0.57
N ARG B 126 -14.66 9.13 0.48
CA ARG B 126 -16.11 8.92 0.14
C ARG B 126 -17.08 9.79 0.93
N ALA B 127 -16.80 10.05 2.19
CA ALA B 127 -17.67 10.93 3.02
C ALA B 127 -17.25 12.42 2.99
N ARG B 128 -16.15 12.74 2.29
CA ARG B 128 -15.64 14.10 2.12
C ARG B 128 -15.21 14.69 3.43
N VAL B 129 -14.47 13.89 4.18
CA VAL B 129 -13.98 14.18 5.50
C VAL B 129 -12.50 14.35 5.39
N TRP B 130 -11.99 15.49 5.82
CA TRP B 130 -10.58 15.72 5.87
C TRP B 130 -10.14 15.54 7.28
N LYS B 131 -9.29 14.54 7.53
CA LYS B 131 -8.90 14.18 8.91
C LYS B 131 -7.71 13.22 8.97
N GLY B 132 -6.54 13.79 9.18
CA GLY B 132 -5.36 13.05 9.49
C GLY B 132 -5.48 12.15 10.71
N LEU B 133 -4.96 10.92 10.58
CA LEU B 133 -5.01 9.91 11.62
C LEU B 133 -3.69 9.71 12.24
N PRO B 134 -3.66 9.33 13.55
CA PRO B 134 -2.38 9.12 14.25
C PRO B 134 -1.49 8.09 13.54
N TYR B 135 -0.25 8.46 13.32
CA TYR B 135 0.77 7.53 12.83
C TYR B 135 1.56 6.95 14.01
N LYS B 136 1.91 5.65 13.97
CA LYS B 136 3.03 5.18 14.78
C LYS B 136 4.01 4.41 13.97
N ARG B 137 5.25 4.40 14.40
CA ARG B 137 6.31 3.87 13.57
C ARG B 137 6.19 2.38 13.39
N PRO B 138 6.78 1.84 12.31
CA PRO B 138 6.82 0.38 12.14
C PRO B 138 7.46 -0.42 13.30
N GLU B 139 8.44 0.18 13.95
CA GLU B 139 9.21 -0.46 15.00
C GLU B 139 8.33 -0.68 16.23
N ARG B 140 7.28 0.12 16.40
CA ARG B 140 6.31 -0.06 17.49
C ARG B 140 5.10 -0.83 17.01
N THR B 141 5.21 -1.50 15.87
CA THR B 141 4.07 -2.14 15.25
C THR B 141 4.39 -3.58 14.98
N THR B 142 3.59 -4.47 15.57
CA THR B 142 3.88 -5.88 15.52
C THR B 142 3.15 -6.50 14.40
N VAL B 143 3.90 -7.17 13.53
CA VAL B 143 3.36 -7.85 12.39
C VAL B 143 3.64 -9.35 12.42
N GLY B 144 2.56 -10.15 12.39
CA GLY B 144 2.65 -11.61 12.47
C GLY B 144 2.59 -12.24 11.10
N VAL B 145 3.43 -13.23 10.87
CA VAL B 145 3.34 -14.10 9.70
C VAL B 145 3.09 -15.55 10.11
N LEU B 146 1.94 -16.07 9.68
CA LEU B 146 1.57 -17.48 9.82
C LEU B 146 2.07 -18.28 8.62
N GLY B 147 3.00 -19.19 8.87
CA GLY B 147 3.62 -19.98 7.84
C GLY B 147 5.01 -19.42 7.65
N LEU B 148 6.03 -20.25 7.82
CA LEU B 148 7.41 -19.84 7.62
C LEU B 148 8.14 -20.79 6.67
N GLY B 149 7.41 -21.23 5.64
CA GLY B 149 8.04 -21.91 4.51
C GLY B 149 8.79 -20.89 3.66
N GLU B 150 9.02 -21.27 2.42
CA GLU B 150 9.74 -20.40 1.52
C GLU B 150 9.05 -19.04 1.36
N LEU B 151 7.71 -19.03 1.26
CA LEU B 151 6.94 -17.79 1.07
C LEU B 151 6.82 -16.94 2.32
N GLY B 152 6.41 -17.57 3.40
CA GLY B 152 6.35 -16.91 4.69
C GLY B 152 7.67 -16.35 5.23
N ALA B 153 8.76 -17.07 5.01
CA ALA B 153 10.08 -16.59 5.40
C ALA B 153 10.54 -15.40 4.57
N ALA B 154 10.30 -15.49 3.25
CA ALA B 154 10.64 -14.36 2.39
C ALA B 154 9.84 -13.15 2.84
N ALA B 155 8.57 -13.37 3.11
CA ALA B 155 7.68 -12.24 3.49
C ALA B 155 8.13 -11.62 4.80
N ALA B 156 8.58 -12.47 5.72
CA ALA B 156 9.02 -12.00 7.03
C ALA B 156 10.25 -11.13 6.93
N LEU B 157 11.12 -11.47 5.99
CA LEU B 157 12.32 -10.70 5.79
C LEU B 157 12.10 -9.38 5.17
N ARG B 158 11.14 -9.29 4.24
CA ARG B 158 10.81 -7.98 3.65
C ARG B 158 10.23 -7.10 4.76
N LEU B 159 9.39 -7.67 5.62
CA LEU B 159 8.70 -6.90 6.64
C LEU B 159 9.69 -6.40 7.68
N ARG B 160 10.60 -7.31 8.08
CA ARG B 160 11.71 -6.98 8.97
C ARG B 160 12.52 -5.79 8.43
N ASP B 161 12.91 -5.86 7.17
CA ASP B 161 13.75 -4.81 6.58
C ASP B 161 12.97 -3.49 6.43
N ALA B 162 11.63 -3.56 6.42
CA ALA B 162 10.77 -2.35 6.43
C ALA B 162 10.72 -1.65 7.80
N GLY B 163 11.27 -2.27 8.85
CA GLY B 163 11.26 -1.74 10.20
C GLY B 163 10.23 -2.34 11.14
N PHE B 164 9.38 -3.27 10.71
CA PHE B 164 8.26 -3.76 11.56
C PHE B 164 8.75 -4.67 12.60
N ASP B 165 8.03 -4.76 13.72
CA ASP B 165 8.34 -5.73 14.77
C ASP B 165 7.75 -7.07 14.36
N VAL B 166 8.57 -7.91 13.74
CA VAL B 166 8.01 -9.11 13.09
C VAL B 166 8.03 -10.35 13.97
N HIS B 167 6.86 -10.96 14.09
CA HIS B 167 6.70 -12.30 14.72
C HIS B 167 6.37 -13.33 13.64
N GLY B 168 6.96 -14.51 13.78
CA GLY B 168 6.71 -15.65 12.89
C GLY B 168 6.16 -16.87 13.62
N TRP B 169 5.20 -17.57 13.01
CA TRP B 169 4.75 -18.88 13.51
C TRP B 169 4.87 -19.96 12.43
N SER B 170 5.36 -21.12 12.83
CA SER B 170 5.30 -22.36 12.01
C SER B 170 5.12 -23.59 12.93
N ARG B 171 4.75 -24.73 12.32
CA ARG B 171 4.43 -25.93 13.07
C ARG B 171 5.79 -26.54 13.55
N SER B 172 6.81 -26.47 12.69
CA SER B 172 8.16 -26.97 12.96
C SER B 172 9.07 -25.84 13.50
N PRO B 173 10.14 -26.19 14.25
CA PRO B 173 11.08 -25.14 14.67
C PRO B 173 11.81 -24.50 13.49
N LYS B 174 12.05 -23.20 13.61
CA LYS B 174 12.62 -22.40 12.57
C LYS B 174 13.18 -21.11 13.21
N GLU B 175 14.36 -20.68 12.77
CA GLU B 175 14.99 -19.47 13.29
C GLU B 175 15.26 -18.58 12.11
N ILE B 176 14.72 -17.37 12.14
CA ILE B 176 15.00 -16.37 11.14
C ILE B 176 15.51 -15.16 11.87
N ALA B 177 16.67 -14.67 11.45
CA ALA B 177 17.32 -13.55 12.11
C ALA B 177 16.43 -12.34 12.18
N GLY B 178 16.49 -11.64 13.29
CA GLY B 178 15.72 -10.40 13.48
C GLY B 178 14.21 -10.53 13.44
N VAL B 179 13.70 -11.74 13.66
CA VAL B 179 12.27 -12.09 13.62
C VAL B 179 12.01 -12.96 14.83
N THR B 180 11.00 -12.63 15.62
CA THR B 180 10.66 -13.45 16.79
C THR B 180 9.83 -14.62 16.28
N CYS B 181 10.42 -15.84 16.30
CA CYS B 181 9.82 -17.05 15.75
C CYS B 181 9.23 -17.93 16.84
N HIS B 182 8.01 -18.40 16.62
CA HIS B 182 7.26 -19.27 17.52
C HIS B 182 7.03 -20.62 16.84
N ALA B 183 7.16 -21.70 17.61
CA ALA B 183 7.03 -23.07 17.07
C ALA B 183 5.95 -23.89 17.75
N GLY B 184 5.10 -24.53 16.94
CA GLY B 184 4.10 -25.49 17.39
C GLY B 184 2.77 -24.86 17.80
N GLU B 185 1.69 -25.66 17.69
CA GLU B 185 0.31 -25.18 17.95
C GLU B 185 0.17 -24.64 19.38
N GLU B 186 1.02 -25.16 20.27
CA GLU B 186 1.09 -24.69 21.65
C GLU B 186 1.39 -23.18 21.77
N THR B 187 2.30 -22.67 20.95
CA THR B 187 2.69 -21.23 21.01
C THR B 187 1.83 -20.28 20.17
N LEU B 188 0.88 -20.83 19.40
CA LEU B 188 0.11 -20.07 18.41
C LEU B 188 -0.71 -18.94 19.04
N GLU B 189 -1.37 -19.26 20.13
CA GLU B 189 -2.25 -18.29 20.79
C GLU B 189 -1.44 -17.15 21.45
N ARG B 190 -0.27 -17.47 22.00
CA ARG B 190 0.62 -16.46 22.58
C ARG B 190 1.15 -15.54 21.46
N MET B 191 1.40 -16.12 20.28
CA MET B 191 1.82 -15.35 19.11
C MET B 191 0.70 -14.45 18.58
N LEU B 192 -0.49 -15.00 18.41
CA LEU B 192 -1.64 -14.20 17.94
C LEU B 192 -1.93 -13.05 18.88
N GLY B 193 -1.74 -13.31 20.17
CA GLY B 193 -1.95 -12.33 21.22
C GLY B 193 -1.21 -11.01 21.11
N GLN B 194 -0.03 -11.00 20.52
CA GLN B 194 0.61 -9.69 20.39
C GLN B 194 0.80 -9.09 19.01
N VAL B 195 -0.02 -9.56 18.06
CA VAL B 195 0.13 -9.20 16.67
C VAL B 195 -0.98 -8.23 16.26
N GLU B 196 -0.60 -7.03 15.80
CA GLU B 196 -1.55 -6.03 15.27
C GLU B 196 -2.00 -6.32 13.84
N ILE B 197 -1.08 -6.85 13.02
CA ILE B 197 -1.38 -7.17 11.62
C ILE B 197 -0.93 -8.59 11.47
N LEU B 198 -1.81 -9.45 11.00
CA LEU B 198 -1.51 -10.85 10.73
C LEU B 198 -1.59 -11.17 9.25
N VAL B 199 -0.50 -11.70 8.71
CA VAL B 199 -0.39 -12.11 7.32
C VAL B 199 -0.34 -13.62 7.28
N CYS B 200 -1.31 -14.21 6.58
CA CYS B 200 -1.40 -15.70 6.47
C CYS B 200 -0.81 -16.23 5.18
N LEU B 201 0.22 -17.09 5.34
CA LEU B 201 0.91 -17.75 4.24
C LEU B 201 1.09 -19.25 4.49
N LEU B 202 0.10 -19.89 5.10
CA LEU B 202 0.14 -21.31 5.44
C LEU B 202 -0.38 -22.16 4.28
N PRO B 203 0.27 -23.31 4.00
CA PRO B 203 -0.42 -24.29 3.13
C PRO B 203 -1.65 -24.94 3.80
N LEU B 204 -2.63 -25.32 2.97
CA LEU B 204 -3.80 -26.10 3.42
C LEU B 204 -3.37 -27.56 3.65
N THR B 205 -3.52 -28.06 4.88
CA THR B 205 -3.35 -29.50 5.16
C THR B 205 -4.42 -29.93 6.16
N GLY B 206 -4.38 -31.18 6.57
CA GLY B 206 -5.17 -31.64 7.70
C GLY B 206 -4.97 -30.82 8.96
N GLU B 207 -3.72 -30.56 9.34
CA GLU B 207 -3.43 -29.78 10.57
C GLU B 207 -3.83 -28.26 10.54
N THR B 208 -4.10 -27.69 9.36
CA THR B 208 -4.44 -26.25 9.23
C THR B 208 -5.89 -25.86 8.80
N ARG B 209 -6.70 -26.84 8.37
CA ARG B 209 -8.12 -26.58 8.02
C ARG B 209 -8.85 -26.03 9.24
N GLY B 210 -9.50 -24.88 9.11
CA GLY B 210 -10.16 -24.26 10.26
C GLY B 210 -9.25 -23.84 11.39
N LEU B 211 -7.96 -23.64 11.14
CA LEU B 211 -7.02 -23.19 12.16
C LEU B 211 -7.42 -21.84 12.75
N LEU B 212 -7.84 -20.90 11.89
CA LEU B 212 -8.37 -19.60 12.37
C LEU B 212 -9.89 -19.63 12.53
N ASP B 213 -10.28 -20.21 13.64
CA ASP B 213 -11.69 -20.37 14.01
C ASP B 213 -12.08 -19.24 14.94
N ALA B 214 -13.29 -19.32 15.49
CA ALA B 214 -13.79 -18.31 16.45
C ALA B 214 -12.83 -18.07 17.60
N ARG B 215 -12.34 -19.17 18.19
CA ARG B 215 -11.48 -19.16 19.40
C ARG B 215 -10.19 -18.44 19.06
N ARG B 216 -9.50 -18.90 18.00
CA ARG B 216 -8.20 -18.33 17.65
C ARG B 216 -8.29 -16.87 17.23
N LEU B 217 -9.34 -16.49 16.53
CA LEU B 217 -9.51 -15.06 16.15
C LEU B 217 -9.59 -14.18 17.41
N ALA B 218 -10.34 -14.64 18.42
CA ALA B 218 -10.45 -13.97 19.74
C ALA B 218 -9.13 -13.76 20.46
N CYS B 219 -8.13 -14.58 20.17
CA CYS B 219 -6.79 -14.38 20.75
C CYS B 219 -6.10 -13.08 20.27
N LEU B 220 -6.44 -12.59 19.08
CA LEU B 220 -5.82 -11.34 18.56
C LEU B 220 -6.25 -10.15 19.39
N PRO B 221 -5.39 -9.11 19.49
CA PRO B 221 -5.80 -7.88 20.16
C PRO B 221 -6.99 -7.22 19.42
N GLU B 222 -7.74 -6.44 20.18
CA GLU B 222 -8.86 -5.68 19.63
C GLU B 222 -8.34 -4.75 18.51
N GLY B 223 -9.06 -4.76 17.38
CA GLY B 223 -8.70 -3.95 16.23
C GLY B 223 -7.66 -4.56 15.31
N ALA B 224 -7.21 -5.78 15.60
CA ALA B 224 -6.18 -6.40 14.77
C ALA B 224 -6.72 -6.60 13.36
N GLN B 225 -5.81 -6.52 12.41
CA GLN B 225 -6.14 -6.55 10.99
C GLN B 225 -5.47 -7.76 10.39
N ILE B 226 -6.16 -8.38 9.44
CA ILE B 226 -5.65 -9.62 8.88
C ILE B 226 -5.54 -9.51 7.37
N VAL B 227 -4.57 -10.26 6.83
CA VAL B 227 -4.34 -10.43 5.39
C VAL B 227 -4.25 -11.94 5.12
N ASN B 228 -5.18 -12.46 4.33
CA ASN B 228 -5.21 -13.89 4.00
C ASN B 228 -4.75 -14.18 2.56
N PHE B 229 -3.49 -14.61 2.46
CA PHE B 229 -2.89 -15.03 1.19
C PHE B 229 -2.67 -16.54 1.14
N ALA B 230 -3.38 -17.26 2.00
CA ALA B 230 -3.15 -18.68 2.19
C ALA B 230 -4.15 -19.49 1.36
N ARG B 231 -5.27 -19.90 1.96
CA ARG B 231 -6.36 -20.57 1.25
C ARG B 231 -7.65 -20.36 2.09
N GLY B 232 -8.82 -20.40 1.44
CA GLY B 232 -10.12 -20.14 2.09
C GLY B 232 -10.35 -20.90 3.42
N PRO B 233 -10.30 -22.27 3.38
CA PRO B 233 -10.52 -23.15 4.56
C PRO B 233 -9.59 -23.00 5.79
N ILE B 234 -8.52 -22.21 5.73
CA ILE B 234 -7.69 -21.89 6.91
C ILE B 234 -8.47 -21.06 7.93
N LEU B 235 -9.42 -20.28 7.41
CA LEU B 235 -10.14 -19.23 8.14
C LEU B 235 -11.61 -19.53 8.12
N ASP B 236 -12.27 -19.42 9.29
CA ASP B 236 -13.73 -19.66 9.42
C ASP B 236 -14.51 -18.39 9.02
N SER B 237 -15.15 -18.45 7.87
CA SER B 237 -15.82 -17.29 7.24
C SER B 237 -16.80 -16.57 8.14
N ALA B 238 -17.75 -17.34 8.68
CA ALA B 238 -18.80 -16.80 9.51
C ALA B 238 -18.23 -16.22 10.82
N ALA B 239 -17.24 -16.90 11.39
CA ALA B 239 -16.53 -16.38 12.55
C ALA B 239 -15.81 -15.06 12.25
N LEU B 240 -15.15 -14.96 11.08
CA LEU B 240 -14.52 -13.70 10.68
C LEU B 240 -15.55 -12.58 10.59
N ILE B 241 -16.70 -12.86 9.97
CA ILE B 241 -17.75 -11.83 9.78
C ILE B 241 -18.24 -11.33 11.14
N GLU B 242 -18.45 -12.23 12.09
CA GLU B 242 -18.95 -11.84 13.43
C GLU B 242 -17.86 -11.01 14.16
N ALA B 243 -16.59 -11.34 13.95
CA ALA B 243 -15.44 -10.63 14.60
C ALA B 243 -15.20 -9.24 14.00
N LEU B 244 -15.54 -9.13 12.72
CA LEU B 244 -15.51 -7.86 12.05
C LEU B 244 -16.61 -6.99 12.58
N ASP B 245 -17.81 -7.55 12.64
CA ASP B 245 -18.98 -6.80 13.06
C ASP B 245 -18.83 -6.29 14.47
N SER B 246 -18.33 -7.15 15.38
CA SER B 246 -18.19 -6.80 16.82
C SER B 246 -17.07 -5.80 17.08
N GLY B 247 -16.12 -5.68 16.16
CA GLY B 247 -14.98 -4.78 16.33
C GLY B 247 -13.71 -5.46 16.80
N ARG B 248 -13.80 -6.75 17.14
CA ARG B 248 -12.62 -7.52 17.52
C ARG B 248 -11.52 -7.41 16.47
N ILE B 249 -11.88 -7.67 15.21
CA ILE B 249 -10.98 -7.55 14.03
C ILE B 249 -11.37 -6.27 13.32
N GLY B 250 -10.38 -5.44 13.03
CA GLY B 250 -10.59 -4.10 12.45
C GLY B 250 -10.80 -4.11 10.94
N HIS B 251 -10.09 -5.00 10.25
CA HIS B 251 -10.16 -5.11 8.80
C HIS B 251 -9.60 -6.45 8.35
N ALA B 252 -10.04 -6.91 7.20
CA ALA B 252 -9.50 -8.10 6.58
C ALA B 252 -9.33 -7.95 5.08
N VAL B 253 -8.09 -8.16 4.62
CA VAL B 253 -7.74 -8.21 3.18
C VAL B 253 -7.80 -9.69 2.82
N LEU B 254 -8.73 -10.07 1.96
CA LEU B 254 -8.88 -11.46 1.55
C LEU B 254 -8.63 -11.69 0.04
N ASP B 255 -7.68 -12.58 -0.26
CA ASP B 255 -7.26 -12.90 -1.64
C ASP B 255 -7.69 -14.30 -2.15
N VAL B 256 -8.10 -15.17 -1.23
CA VAL B 256 -8.31 -16.58 -1.52
C VAL B 256 -9.66 -17.09 -1.07
N PHE B 257 -10.33 -17.79 -2.00
CA PHE B 257 -11.67 -18.29 -1.83
C PHE B 257 -11.79 -19.68 -2.49
N GLU B 258 -12.57 -20.56 -1.86
CA GLU B 258 -12.79 -21.92 -2.33
C GLU B 258 -13.54 -21.96 -3.67
N VAL B 259 -14.38 -20.96 -3.91
CA VAL B 259 -15.02 -20.73 -5.23
C VAL B 259 -14.51 -19.41 -5.84
N GLU B 260 -13.87 -19.52 -7.00
CA GLU B 260 -13.31 -18.38 -7.71
C GLU B 260 -13.70 -18.52 -9.16
N PRO B 261 -14.24 -17.50 -9.82
CA PRO B 261 -14.46 -16.15 -9.26
C PRO B 261 -15.39 -16.18 -8.07
N LEU B 262 -15.15 -15.30 -7.09
CA LEU B 262 -16.02 -15.16 -5.90
C LEU B 262 -17.39 -14.80 -6.39
N PRO B 263 -18.41 -15.59 -6.02
CA PRO B 263 -19.75 -15.28 -6.55
C PRO B 263 -20.25 -13.93 -6.07
N GLU B 264 -21.01 -13.27 -6.95
CA GLU B 264 -21.64 -11.96 -6.71
C GLU B 264 -22.37 -11.85 -5.32
N ALA B 265 -22.92 -12.97 -4.85
CA ALA B 265 -23.65 -13.04 -3.54
C ALA B 265 -22.76 -13.22 -2.30
N SER B 266 -21.44 -13.33 -2.45
CA SER B 266 -20.63 -13.40 -1.23
C SER B 266 -20.85 -12.12 -0.43
N PRO B 267 -21.01 -12.22 0.91
CA PRO B 267 -21.06 -11.00 1.74
C PRO B 267 -19.75 -10.20 1.81
N PHE B 268 -18.64 -10.85 1.57
CA PHE B 268 -17.36 -10.18 1.55
C PHE B 268 -17.27 -9.04 0.57
N TRP B 269 -17.95 -9.14 -0.57
CA TRP B 269 -17.94 -8.02 -1.50
C TRP B 269 -18.41 -6.69 -0.86
N GLY B 270 -19.59 -6.73 -0.27
CA GLY B 270 -20.19 -5.53 0.32
C GLY B 270 -19.79 -5.20 1.75
N HIS B 271 -18.90 -5.98 2.34
CA HIS B 271 -18.57 -5.70 3.72
C HIS B 271 -17.57 -4.53 3.85
N PRO B 272 -17.94 -3.48 4.64
CA PRO B 272 -17.06 -2.29 4.77
C PRO B 272 -15.67 -2.51 5.42
N LYS B 273 -15.53 -3.51 6.24
CA LYS B 273 -14.21 -3.85 6.78
C LYS B 273 -13.48 -4.96 6.04
N VAL B 274 -13.92 -5.26 4.82
CA VAL B 274 -13.26 -6.25 3.99
C VAL B 274 -12.73 -5.69 2.66
N THR B 275 -11.47 -5.98 2.35
CA THR B 275 -10.90 -5.72 1.03
C THR B 275 -10.78 -7.06 0.31
N VAL B 276 -11.45 -7.17 -0.83
CA VAL B 276 -11.45 -8.38 -1.65
C VAL B 276 -10.44 -8.17 -2.79
N LEU B 277 -9.49 -9.09 -2.90
CA LEU B 277 -8.58 -9.20 -4.04
C LEU B 277 -8.79 -10.49 -4.84
N PRO B 278 -8.72 -10.42 -6.18
CA PRO B 278 -9.05 -11.60 -6.95
C PRO B 278 -7.90 -12.59 -7.16
N HIS B 279 -7.46 -13.24 -6.09
CA HIS B 279 -6.34 -14.18 -6.16
C HIS B 279 -5.13 -13.61 -6.87
N ILE B 280 -4.67 -12.48 -6.38
CA ILE B 280 -3.47 -11.87 -6.91
C ILE B 280 -2.25 -12.36 -6.15
N SER B 281 -2.47 -13.29 -5.20
CA SER B 281 -1.40 -14.13 -4.65
C SER B 281 -0.87 -15.16 -5.65
N ALA B 282 -1.60 -15.40 -6.73
CA ALA B 282 -1.09 -16.21 -7.82
C ALA B 282 -0.35 -15.39 -8.90
N ALA B 283 -0.26 -14.08 -8.69
CA ALA B 283 0.29 -13.17 -9.67
C ALA B 283 1.76 -13.41 -9.76
N THR B 284 2.22 -13.50 -10.99
CA THR B 284 3.58 -13.87 -11.29
C THR B 284 3.83 -13.24 -12.68
N ASP B 285 5.06 -12.77 -12.92
CA ASP B 285 5.39 -12.21 -14.20
C ASP B 285 5.42 -13.37 -15.21
N PRO B 286 4.51 -13.33 -16.21
CA PRO B 286 4.38 -14.46 -17.14
C PRO B 286 5.59 -14.66 -18.03
N GLU B 287 6.34 -13.59 -18.26
CA GLU B 287 7.58 -13.68 -19.01
C GLU B 287 8.48 -14.76 -18.40
N THR B 288 8.80 -14.60 -17.14
CA THR B 288 9.57 -15.58 -16.42
C THR B 288 8.91 -16.99 -16.39
N ALA B 289 7.62 -17.05 -16.10
CA ALA B 289 6.88 -18.31 -15.92
C ALA B 289 6.68 -19.17 -17.19
N SER B 290 6.41 -18.45 -18.27
CA SER B 290 6.17 -19.03 -19.57
C SER B 290 7.35 -19.84 -20.00
N ALA B 291 8.55 -19.33 -19.80
CA ALA B 291 9.77 -20.07 -20.15
C ALA B 291 9.90 -21.44 -19.43
N ILE B 292 9.38 -21.55 -18.21
CA ILE B 292 9.39 -22.82 -17.49
C ILE B 292 8.35 -23.78 -18.06
N VAL B 293 7.19 -23.26 -18.38
CA VAL B 293 6.15 -24.09 -19.02
C VAL B 293 6.76 -24.54 -20.34
N GLY B 294 7.24 -23.58 -21.13
CA GLY B 294 7.87 -23.85 -22.41
C GLY B 294 8.87 -24.98 -22.34
N ALA B 295 9.73 -24.99 -21.32
CA ALA B 295 10.80 -25.97 -21.26
C ALA B 295 10.20 -27.31 -21.01
N HIS B 296 9.24 -27.36 -20.08
CA HIS B 296 8.49 -28.60 -19.81
C HIS B 296 7.74 -29.16 -21.02
N VAL B 297 7.06 -28.28 -21.77
CA VAL B 297 6.36 -28.70 -22.96
C VAL B 297 7.31 -29.20 -24.01
N ALA B 298 8.43 -28.50 -24.18
CA ALA B 298 9.42 -28.81 -25.18
C ALA B 298 10.07 -30.17 -24.93
N ASP B 299 10.26 -30.48 -23.67
CA ASP B 299 10.93 -31.70 -23.24
C ASP B 299 9.99 -32.88 -23.48
N TYR B 300 8.68 -32.68 -23.26
CA TYR B 300 7.72 -33.71 -23.59
C TYR B 300 7.62 -33.88 -25.12
N ARG B 301 7.69 -32.82 -25.89
CA ARG B 301 7.64 -32.99 -27.37
C ARG B 301 8.86 -33.75 -27.88
N ALA B 302 9.99 -33.53 -27.23
CA ALA B 302 11.26 -34.17 -27.58
C ALA B 302 11.37 -35.61 -27.12
N THR B 303 11.00 -35.86 -25.87
CA THR B 303 11.26 -37.15 -25.23
C THR B 303 10.01 -38.00 -24.95
N GLY B 304 8.83 -37.41 -25.06
CA GLY B 304 7.63 -38.02 -24.50
C GLY B 304 7.60 -38.16 -22.95
N ARG B 305 8.56 -37.54 -22.23
CA ARG B 305 8.61 -37.62 -20.75
C ARG B 305 7.71 -36.53 -20.18
N ILE B 306 6.69 -36.94 -19.44
CA ILE B 306 5.86 -36.02 -18.70
C ILE B 306 6.74 -35.52 -17.58
N PRO B 307 6.74 -34.22 -17.30
CA PRO B 307 7.51 -33.76 -16.12
C PRO B 307 7.04 -34.35 -14.79
N PRO B 308 7.87 -34.27 -13.75
CA PRO B 308 7.41 -34.72 -12.43
C PRO B 308 6.10 -34.07 -12.06
N SER B 309 5.11 -34.89 -11.73
CA SER B 309 3.75 -34.43 -11.49
C SER B 309 3.49 -34.52 -9.97
N VAL B 310 2.28 -34.18 -9.53
CA VAL B 310 1.93 -34.28 -8.10
C VAL B 310 1.03 -35.49 -7.94
N ASP B 311 1.09 -36.10 -6.76
CA ASP B 311 0.28 -37.28 -6.41
C ASP B 311 0.31 -37.49 -4.91
#